data_6H4G
#
_entry.id   6H4G
#
_cell.length_a   64.674
_cell.length_b   71.197
_cell.length_c   121.397
_cell.angle_alpha   90.000
_cell.angle_beta   90.000
_cell.angle_gamma   90.000
#
_symmetry.space_group_name_H-M   'P 21 21 21'
#
loop_
_entity.id
_entity.type
_entity.pdbx_description
1 polymer 'Protein kinase A regulatory subunit'
2 non-polymer "ADENOSINE-3',5'-CYCLIC-MONOPHOSPHATE"
3 non-polymer INOSINE
4 water water
#
_entity_poly.entity_id   1
_entity_poly.type   'polypeptide(L)'
_entity_poly.pdbx_seq_one_letter_code
;GRKRRTTVRGEGIDPEKAKSYVAPYFEKSEDETALILKLLTYNVLFSFLDSRDLMTVAGAMWRVEFKQDDCIMEAGQTTC
DKLYIIQDGKADIIKEGQKVYLKVEGTAVGELALMYQTPRAATVKVCTPELIAWALDRDTYRHLVMGSAIRRRETYIQFL
TNIPFLSGLDNYEKLQLADALSSDEFEPGDYIIRYGEEGEWLYIILEGSVDVVGRDDDGNEKHVWEFGKGDHVGELEFLN
NHANVADVVAKTHVVTAKLNRRHFEMCLGPVIDVLKRTSQQPNYEYYQSKLKTTLRAEGRK
;
_entity_poly.pdbx_strand_id   A,B
#
# COMPACT_ATOMS: atom_id res chain seq x y z
N ALA A 18 -36.01 -15.69 -0.99
CA ALA A 18 -34.75 -15.99 -0.33
C ALA A 18 -34.78 -17.34 0.38
N LYS A 19 -35.99 -17.76 0.77
CA LYS A 19 -36.15 -19.00 1.54
C LYS A 19 -36.35 -20.22 0.63
N SER A 20 -37.17 -20.09 -0.41
CA SER A 20 -37.55 -21.23 -1.24
C SER A 20 -36.64 -21.44 -2.45
N TYR A 21 -35.61 -20.61 -2.63
CA TYR A 21 -34.72 -20.76 -3.78
C TYR A 21 -33.87 -22.02 -3.63
N VAL A 22 -33.89 -22.87 -4.64
CA VAL A 22 -33.11 -24.09 -4.67
C VAL A 22 -31.92 -23.87 -5.58
N ALA A 23 -30.72 -23.83 -5.01
CA ALA A 23 -29.56 -23.63 -5.86
C ALA A 23 -29.23 -24.91 -6.62
N PRO A 24 -28.69 -24.79 -7.82
CA PRO A 24 -28.07 -25.94 -8.47
C PRO A 24 -26.96 -26.50 -7.61
N TYR A 25 -26.65 -27.77 -7.84
CA TYR A 25 -25.43 -28.40 -7.35
C TYR A 25 -24.65 -28.90 -8.55
N PHE A 26 -23.37 -28.51 -8.63
CA PHE A 26 -22.49 -28.92 -9.71
C PHE A 26 -21.37 -29.80 -9.13
N GLU A 27 -21.21 -30.97 -9.74
CA GLU A 27 -20.24 -31.97 -9.28
C GLU A 27 -18.85 -31.38 -9.11
N LYS A 28 -18.22 -31.69 -7.98
CA LYS A 28 -16.83 -31.31 -7.75
C LYS A 28 -16.29 -32.16 -6.60
N SER A 29 -14.96 -32.17 -6.48
CA SER A 29 -14.32 -32.91 -5.40
C SER A 29 -14.35 -32.13 -4.10
N GLU A 30 -14.15 -32.85 -2.99
CA GLU A 30 -14.13 -32.16 -1.70
C GLU A 30 -12.97 -31.20 -1.59
N ASP A 31 -11.88 -31.49 -2.31
CA ASP A 31 -10.76 -30.56 -2.40
C ASP A 31 -11.16 -29.27 -3.09
N GLU A 32 -12.02 -29.35 -4.12
CA GLU A 32 -12.37 -28.13 -4.84
C GLU A 32 -13.27 -27.25 -4.01
N THR A 33 -14.28 -27.86 -3.38
CA THR A 33 -15.12 -27.19 -2.39
C THR A 33 -14.31 -26.51 -1.29
N ALA A 34 -13.31 -27.21 -0.73
CA ALA A 34 -12.52 -26.58 0.32
C ALA A 34 -11.76 -25.37 -0.22
N LEU A 35 -11.21 -25.50 -1.43
CA LEU A 35 -10.54 -24.39 -2.07
C LEU A 35 -11.49 -23.23 -2.33
N ILE A 36 -12.72 -23.53 -2.76
CA ILE A 36 -13.71 -22.48 -2.98
C ILE A 36 -14.01 -21.76 -1.68
N LEU A 37 -14.22 -22.50 -0.61
CA LEU A 37 -14.59 -21.87 0.64
C LEU A 37 -13.53 -20.89 1.11
N LYS A 38 -12.25 -21.26 0.95
CA LYS A 38 -11.18 -20.32 1.28
C LYS A 38 -11.35 -19.03 0.47
N LEU A 39 -11.72 -19.13 -0.80
CA LEU A 39 -11.91 -17.93 -1.60
C LEU A 39 -13.06 -17.09 -1.08
N LEU A 40 -14.23 -17.71 -0.88
CA LEU A 40 -15.38 -16.99 -0.37
C LEU A 40 -15.11 -16.32 0.98
N THR A 41 -14.15 -16.85 1.75
CA THR A 41 -13.82 -16.29 3.06
C THR A 41 -13.22 -14.89 2.96
N TYR A 42 -12.45 -14.61 1.91
CA TYR A 42 -11.78 -13.33 1.77
C TYR A 42 -12.47 -12.37 0.81
N ASN A 43 -13.28 -12.88 -0.11
CA ASN A 43 -13.97 -12.01 -1.06
C ASN A 43 -15.22 -11.43 -0.41
N VAL A 44 -15.41 -10.11 -0.55
CA VAL A 44 -16.38 -9.38 0.26
C VAL A 44 -17.83 -9.64 -0.14
N LEU A 45 -18.09 -10.15 -1.36
CA LEU A 45 -19.45 -10.45 -1.75
C LEU A 45 -20.11 -11.45 -0.84
N PHE A 46 -19.32 -12.22 -0.08
CA PHE A 46 -19.82 -13.33 0.71
C PHE A 46 -19.66 -13.06 2.21
N SER A 47 -19.46 -11.79 2.59
CA SER A 47 -18.99 -11.45 3.93
C SER A 47 -19.96 -11.92 5.03
N PHE A 48 -21.26 -11.84 4.78
CA PHE A 48 -22.26 -12.03 5.83
C PHE A 48 -23.06 -13.33 5.65
N LEU A 49 -22.54 -14.30 4.91
CA LEU A 49 -23.20 -15.59 4.74
C LEU A 49 -22.79 -16.54 5.85
N ASP A 50 -23.77 -17.29 6.38
CA ASP A 50 -23.49 -18.33 7.36
C ASP A 50 -22.89 -19.56 6.68
N SER A 51 -22.58 -20.60 7.47
CA SER A 51 -21.94 -21.81 6.92
C SER A 51 -22.79 -22.46 5.85
N ARG A 52 -24.08 -22.64 6.13
CA ARG A 52 -24.93 -23.38 5.20
C ARG A 52 -25.06 -22.65 3.86
N ASP A 53 -25.25 -21.34 3.88
CA ASP A 53 -25.36 -20.65 2.59
C ASP A 53 -24.03 -20.66 1.85
N LEU A 54 -22.90 -20.60 2.58
CA LEU A 54 -21.59 -20.71 1.95
C LEU A 54 -21.42 -22.09 1.30
N MET A 55 -21.88 -23.15 1.99
CA MET A 55 -21.84 -24.49 1.41
C MET A 55 -22.66 -24.56 0.13
N THR A 56 -23.86 -23.97 0.17
CA THR A 56 -24.74 -23.99 -0.99
C THR A 56 -24.19 -23.14 -2.12
N VAL A 57 -23.60 -21.98 -1.82
CA VAL A 57 -23.00 -21.16 -2.88
C VAL A 57 -21.88 -21.93 -3.56
N ALA A 58 -21.04 -22.61 -2.77
CA ALA A 58 -19.93 -23.36 -3.34
C ALA A 58 -20.43 -24.52 -4.20
N GLY A 59 -21.50 -25.20 -3.75
CA GLY A 59 -22.13 -26.22 -4.60
C GLY A 59 -22.59 -25.65 -5.93
N ALA A 60 -23.10 -24.42 -5.92
CA ALA A 60 -23.63 -23.81 -7.12
C ALA A 60 -22.53 -23.25 -8.05
N MET A 61 -21.26 -23.50 -7.78
CA MET A 61 -20.21 -22.95 -8.64
C MET A 61 -19.51 -24.03 -9.44
N TRP A 62 -18.85 -23.59 -10.51
CA TRP A 62 -18.15 -24.47 -11.42
C TRP A 62 -16.91 -23.76 -11.95
N ARG A 63 -15.90 -24.56 -12.25
CA ARG A 63 -14.58 -24.09 -12.61
C ARG A 63 -14.52 -23.79 -14.10
N VAL A 64 -13.93 -22.64 -14.43
N VAL A 64 -13.96 -22.62 -14.44
CA VAL A 64 -13.75 -22.15 -15.79
CA VAL A 64 -13.74 -22.25 -15.82
C VAL A 64 -12.27 -21.83 -16.01
C VAL A 64 -12.27 -21.90 -16.01
N GLU A 65 -11.84 -21.89 -17.27
CA GLU A 65 -10.45 -21.62 -17.63
C GLU A 65 -10.38 -20.64 -18.79
N PHE A 66 -9.37 -19.79 -18.76
CA PHE A 66 -9.16 -18.88 -19.88
C PHE A 66 -7.68 -18.80 -20.19
N LYS A 67 -7.38 -18.38 -21.42
CA LYS A 67 -6.03 -18.17 -21.91
C LYS A 67 -5.72 -16.69 -21.94
N GLN A 68 -4.42 -16.37 -21.97
CA GLN A 68 -4.01 -14.99 -22.10
C GLN A 68 -4.68 -14.33 -23.30
N ASP A 69 -5.19 -13.12 -23.08
CA ASP A 69 -5.89 -12.24 -24.01
C ASP A 69 -7.35 -12.66 -24.21
N ASP A 70 -7.78 -13.79 -23.66
CA ASP A 70 -9.21 -14.11 -23.62
C ASP A 70 -9.96 -12.98 -22.93
N CYS A 71 -11.13 -12.63 -23.48
CA CYS A 71 -12.06 -11.70 -22.85
C CYS A 71 -13.12 -12.53 -22.13
N ILE A 72 -13.03 -12.59 -20.80
CA ILE A 72 -14.06 -13.28 -20.02
C ILE A 72 -15.42 -12.63 -20.24
N MET A 73 -15.44 -11.30 -20.41
CA MET A 73 -16.64 -10.55 -20.76
C MET A 73 -16.24 -9.25 -21.46
N GLU A 74 -17.21 -8.61 -22.11
CA GLU A 74 -16.92 -7.42 -22.90
C GLU A 74 -17.89 -6.30 -22.55
N ALA A 75 -17.35 -5.09 -22.44
CA ALA A 75 -18.14 -3.91 -22.13
C ALA A 75 -19.37 -3.82 -23.03
N GLY A 76 -20.52 -3.53 -22.41
CA GLY A 76 -21.76 -3.35 -23.13
C GLY A 76 -22.55 -4.61 -23.38
N GLN A 77 -22.01 -5.79 -23.06
CA GLN A 77 -22.75 -7.03 -23.24
C GLN A 77 -23.98 -7.06 -22.34
N THR A 78 -25.04 -7.72 -22.81
CA THR A 78 -26.29 -7.78 -22.06
C THR A 78 -26.69 -9.18 -21.61
N THR A 79 -26.25 -10.24 -22.26
CA THR A 79 -26.33 -11.54 -21.59
C THR A 79 -25.28 -11.52 -20.48
N CYS A 80 -25.73 -11.35 -19.23
CA CYS A 80 -24.85 -11.31 -18.07
C CYS A 80 -25.46 -12.24 -17.02
N ASP A 81 -25.19 -13.53 -17.13
CA ASP A 81 -25.81 -14.47 -16.19
C ASP A 81 -24.79 -15.15 -15.28
N LYS A 82 -23.56 -14.62 -15.17
CA LYS A 82 -22.61 -15.16 -14.21
C LYS A 82 -21.62 -14.08 -13.78
N LEU A 83 -21.09 -14.24 -12.55
CA LEU A 83 -19.85 -13.63 -12.10
C LEU A 83 -18.81 -14.73 -11.88
N TYR A 84 -17.57 -14.32 -11.61
CA TYR A 84 -16.44 -15.24 -11.46
C TYR A 84 -15.62 -14.86 -10.24
N ILE A 85 -15.05 -15.85 -9.56
CA ILE A 85 -14.04 -15.60 -8.52
C ILE A 85 -12.74 -16.23 -8.99
N ILE A 86 -11.70 -15.39 -9.11
CA ILE A 86 -10.45 -15.84 -9.70
C ILE A 86 -9.69 -16.70 -8.71
N GLN A 87 -9.41 -17.94 -9.09
CA GLN A 87 -8.50 -18.75 -8.30
C GLN A 87 -7.03 -18.46 -8.64
N ASP A 88 -6.68 -18.40 -9.93
CA ASP A 88 -5.29 -18.25 -10.35
C ASP A 88 -5.17 -17.38 -11.58
N GLY A 89 -4.16 -16.51 -11.62
CA GLY A 89 -3.98 -15.59 -12.73
C GLY A 89 -4.70 -14.27 -12.52
N LYS A 90 -4.65 -13.43 -13.57
CA LYS A 90 -4.99 -12.02 -13.45
C LYS A 90 -5.71 -11.53 -14.71
N ALA A 91 -6.39 -10.40 -14.57
CA ALA A 91 -7.18 -9.84 -15.65
C ALA A 91 -7.18 -8.31 -15.56
N ASP A 92 -7.08 -7.67 -16.74
CA ASP A 92 -7.23 -6.22 -16.84
C ASP A 92 -8.70 -5.83 -16.96
N ILE A 93 -9.04 -4.69 -16.35
CA ILE A 93 -10.37 -4.11 -16.45
C ILE A 93 -10.25 -2.88 -17.36
N ILE A 94 -10.99 -2.89 -18.46
CA ILE A 94 -10.74 -1.98 -19.58
C ILE A 94 -12.02 -1.23 -19.92
N LYS A 95 -12.01 0.09 -19.73
CA LYS A 95 -13.13 0.96 -20.08
C LYS A 95 -12.67 1.95 -21.14
N GLU A 96 -13.47 2.05 -22.20
CA GLU A 96 -13.23 2.98 -23.30
C GLU A 96 -11.82 2.84 -23.88
N GLY A 97 -11.29 1.61 -23.83
CA GLY A 97 -10.03 1.26 -24.46
C GLY A 97 -8.84 1.27 -23.54
N GLN A 98 -8.91 1.99 -22.42
CA GLN A 98 -7.85 2.07 -21.45
C GLN A 98 -8.01 1.00 -20.36
N LYS A 99 -6.88 0.46 -19.90
CA LYS A 99 -6.87 -0.36 -18.70
C LYS A 99 -7.01 0.54 -17.49
N VAL A 100 -8.03 0.30 -16.68
CA VAL A 100 -8.28 1.11 -15.49
C VAL A 100 -8.01 0.38 -14.18
N TYR A 101 -7.98 -0.95 -14.18
CA TYR A 101 -7.91 -1.68 -12.91
C TYR A 101 -7.39 -3.10 -13.18
N LEU A 102 -6.60 -3.63 -12.24
CA LEU A 102 -6.03 -4.97 -12.36
C LEU A 102 -6.66 -5.90 -11.33
N LYS A 103 -7.27 -6.98 -11.80
CA LYS A 103 -8.00 -7.91 -10.96
C LYS A 103 -7.12 -9.12 -10.71
N VAL A 104 -6.93 -9.48 -9.45
CA VAL A 104 -5.94 -10.47 -9.08
C VAL A 104 -6.63 -11.65 -8.41
N GLU A 105 -5.84 -12.68 -8.10
CA GLU A 105 -6.36 -13.89 -7.48
C GLU A 105 -7.23 -13.54 -6.28
N GLY A 106 -8.42 -14.15 -6.23
CA GLY A 106 -9.33 -14.01 -5.12
C GLY A 106 -10.39 -12.95 -5.28
N THR A 107 -10.24 -12.05 -6.25
CA THR A 107 -11.18 -10.99 -6.52
C THR A 107 -12.29 -11.51 -7.44
N ALA A 108 -13.31 -10.67 -7.64
CA ALA A 108 -14.49 -11.02 -8.44
C ALA A 108 -14.53 -10.18 -9.71
N VAL A 109 -15.01 -10.77 -10.79
CA VAL A 109 -15.30 -10.01 -12.01
C VAL A 109 -16.70 -10.35 -12.48
N GLY A 110 -17.39 -9.35 -13.05
CA GLY A 110 -18.75 -9.55 -13.50
C GLY A 110 -19.80 -9.46 -12.41
N GLU A 111 -19.48 -8.87 -11.27
CA GLU A 111 -20.48 -8.77 -10.22
C GLU A 111 -21.40 -7.55 -10.39
N LEU A 112 -20.95 -6.49 -11.07
CA LEU A 112 -21.78 -5.28 -11.15
C LEU A 112 -23.05 -5.53 -11.95
N ALA A 113 -22.94 -6.17 -13.11
CA ALA A 113 -24.12 -6.44 -13.93
C ALA A 113 -25.14 -7.30 -13.21
N LEU A 114 -24.70 -8.21 -12.32
CA LEU A 114 -25.63 -9.06 -11.59
C LEU A 114 -26.25 -8.35 -10.41
N MET A 115 -25.62 -7.30 -9.92
CA MET A 115 -26.13 -6.55 -8.78
C MET A 115 -27.10 -5.46 -9.24
N TYR A 116 -26.78 -4.76 -10.32
CA TYR A 116 -27.59 -3.65 -10.79
C TYR A 116 -28.36 -3.96 -12.08
N GLN A 117 -28.22 -5.17 -12.63
CA GLN A 117 -28.97 -5.61 -13.81
C GLN A 117 -28.69 -4.72 -15.01
N THR A 118 -27.42 -4.37 -15.16
CA THR A 118 -26.95 -3.48 -16.21
C THR A 118 -26.09 -4.25 -17.19
N PRO A 119 -25.81 -3.70 -18.37
CA PRO A 119 -24.80 -4.32 -19.24
C PRO A 119 -23.43 -4.28 -18.56
N ARG A 120 -22.53 -5.16 -19.02
CA ARG A 120 -21.16 -5.16 -18.50
C ARG A 120 -20.58 -3.76 -18.58
N ALA A 121 -19.99 -3.30 -17.47
CA ALA A 121 -19.48 -1.94 -17.42
C ALA A 121 -18.10 -1.79 -18.02
N ALA A 122 -17.48 -2.89 -18.47
CA ALA A 122 -16.07 -2.89 -18.85
C ALA A 122 -15.68 -4.24 -19.43
N THR A 123 -14.62 -4.24 -20.21
CA THR A 123 -14.10 -5.49 -20.73
C THR A 123 -13.15 -6.10 -19.69
N VAL A 124 -13.18 -7.42 -19.57
CA VAL A 124 -12.33 -8.17 -18.65
C VAL A 124 -11.44 -9.10 -19.47
N LYS A 125 -10.14 -8.81 -19.52
CA LYS A 125 -9.21 -9.48 -20.43
C LYS A 125 -8.06 -10.12 -19.65
N VAL A 126 -7.88 -11.43 -19.82
CA VAL A 126 -6.83 -12.17 -19.11
C VAL A 126 -5.46 -11.69 -19.57
N CYS A 127 -4.60 -11.38 -18.61
CA CYS A 127 -3.26 -10.85 -18.90
C CYS A 127 -2.14 -11.73 -18.35
N THR A 128 -2.47 -12.91 -17.85
CA THR A 128 -1.51 -13.94 -17.49
C THR A 128 -1.67 -15.09 -18.46
N PRO A 129 -0.67 -15.96 -18.59
CA PRO A 129 -0.82 -17.11 -19.52
C PRO A 129 -2.14 -17.85 -19.36
N GLU A 130 -2.53 -18.14 -18.12
CA GLU A 130 -3.79 -18.83 -17.88
C GLU A 130 -4.54 -18.08 -16.80
N LEU A 131 -5.86 -18.32 -16.76
CA LEU A 131 -6.70 -17.82 -15.68
C LEU A 131 -7.67 -18.93 -15.33
N ILE A 132 -7.64 -19.37 -14.07
CA ILE A 132 -8.63 -20.30 -13.54
C ILE A 132 -9.53 -19.54 -12.58
N ALA A 133 -10.84 -19.64 -12.79
CA ALA A 133 -11.82 -18.93 -11.98
C ALA A 133 -13.01 -19.83 -11.71
N TRP A 134 -13.79 -19.45 -10.71
CA TRP A 134 -14.93 -20.21 -10.26
C TRP A 134 -16.17 -19.38 -10.51
N ALA A 135 -17.09 -19.89 -11.31
CA ALA A 135 -18.22 -19.13 -11.82
C ALA A 135 -19.47 -19.39 -10.99
N LEU A 136 -20.32 -18.39 -10.95
CA LEU A 136 -21.56 -18.43 -10.17
C LEU A 136 -22.66 -17.78 -11.00
N ASP A 137 -23.81 -18.43 -11.06
CA ASP A 137 -24.87 -17.91 -11.92
C ASP A 137 -25.61 -16.77 -11.25
N ARG A 138 -26.30 -15.98 -12.09
CA ARG A 138 -26.99 -14.77 -11.64
C ARG A 138 -28.09 -15.06 -10.62
N ASP A 139 -28.88 -16.12 -10.83
CA ASP A 139 -30.00 -16.34 -9.92
C ASP A 139 -29.52 -16.72 -8.52
N THR A 140 -28.53 -17.63 -8.44
CA THR A 140 -28.01 -18.03 -7.14
C THR A 140 -27.38 -16.84 -6.41
N TYR A 141 -26.72 -15.95 -7.15
CA TYR A 141 -26.12 -14.78 -6.50
C TYR A 141 -27.20 -13.83 -6.01
N ARG A 142 -28.06 -13.38 -6.93
CA ARG A 142 -29.16 -12.49 -6.55
C ARG A 142 -30.00 -13.06 -5.42
N HIS A 143 -30.22 -14.37 -5.41
CA HIS A 143 -31.10 -14.92 -4.38
C HIS A 143 -30.38 -15.25 -3.08
N LEU A 144 -29.26 -15.96 -3.16
CA LEU A 144 -28.59 -16.45 -1.96
C LEU A 144 -27.53 -15.51 -1.40
N VAL A 145 -26.89 -14.72 -2.27
CA VAL A 145 -25.68 -14.01 -1.91
C VAL A 145 -25.95 -12.51 -1.72
N MET A 146 -26.69 -11.91 -2.65
CA MET A 146 -26.74 -10.46 -2.73
C MET A 146 -27.30 -9.84 -1.46
N GLY A 147 -28.50 -10.28 -1.05
CA GLY A 147 -29.07 -9.76 0.17
C GLY A 147 -29.24 -8.25 0.13
N SER A 148 -28.74 -7.56 1.15
CA SER A 148 -28.90 -6.11 1.27
C SER A 148 -27.66 -5.36 0.79
N ALA A 149 -26.90 -5.97 -0.14
CA ALA A 149 -25.61 -5.42 -0.55
C ALA A 149 -25.75 -4.01 -1.12
N ILE A 150 -26.79 -3.76 -1.92
CA ILE A 150 -26.97 -2.45 -2.53
C ILE A 150 -27.40 -1.42 -1.50
N ARG A 151 -28.39 -1.77 -0.68
CA ARG A 151 -28.73 -0.92 0.45
C ARG A 151 -27.52 -0.70 1.38
N ARG A 152 -26.71 -1.74 1.61
CA ARG A 152 -25.52 -1.60 2.44
C ARG A 152 -24.46 -0.74 1.76
N ARG A 153 -24.21 -0.97 0.46
CA ARG A 153 -23.27 -0.12 -0.27
C ARG A 153 -23.68 1.34 -0.16
N GLU A 154 -24.96 1.63 -0.41
CA GLU A 154 -25.41 3.00 -0.54
C GLU A 154 -25.59 3.68 0.81
N THR A 155 -25.81 2.93 1.89
CA THR A 155 -25.85 3.58 3.19
C THR A 155 -24.44 4.06 3.59
N TYR A 156 -23.40 3.27 3.27
CA TYR A 156 -22.05 3.58 3.73
C TYR A 156 -21.29 4.56 2.83
N ILE A 157 -21.58 4.59 1.53
CA ILE A 157 -20.72 5.32 0.60
C ILE A 157 -20.74 6.81 0.91
N GLN A 158 -21.91 7.36 1.24
CA GLN A 158 -22.00 8.76 1.60
C GLN A 158 -21.01 9.11 2.72
N PHE A 159 -20.95 8.28 3.77
CA PHE A 159 -19.96 8.47 4.82
C PHE A 159 -18.54 8.25 4.30
N LEU A 160 -18.34 7.18 3.52
CA LEU A 160 -17.00 6.69 3.21
C LEU A 160 -16.21 7.70 2.42
N THR A 161 -16.85 8.41 1.49
CA THR A 161 -16.18 9.44 0.70
C THR A 161 -15.66 10.57 1.55
N ASN A 162 -16.10 10.68 2.80
CA ASN A 162 -15.62 11.70 3.72
C ASN A 162 -14.66 11.17 4.77
N ILE A 163 -14.37 9.88 4.78
CA ILE A 163 -13.38 9.40 5.75
C ILE A 163 -12.00 9.70 5.19
N PRO A 164 -11.15 10.46 5.89
CA PRO A 164 -9.87 10.87 5.29
C PRO A 164 -8.92 9.73 4.95
N PHE A 165 -8.77 8.73 5.84
CA PHE A 165 -7.83 7.68 5.48
C PHE A 165 -8.32 6.79 4.34
N LEU A 166 -9.56 6.97 3.85
CA LEU A 166 -10.03 6.19 2.71
C LEU A 166 -9.85 6.92 1.37
N SER A 167 -9.27 8.12 1.37
CA SER A 167 -9.11 8.90 0.15
C SER A 167 -8.32 8.17 -0.90
N GLY A 168 -7.38 7.31 -0.50
CA GLY A 168 -6.62 6.47 -1.40
C GLY A 168 -7.33 5.26 -1.96
N LEU A 169 -8.58 5.02 -1.58
CA LEU A 169 -9.40 4.02 -2.24
C LEU A 169 -10.19 4.68 -3.35
N ASP A 170 -10.15 4.12 -4.56
CA ASP A 170 -10.94 4.72 -5.64
C ASP A 170 -12.41 4.39 -5.42
N ASN A 171 -13.26 4.92 -6.30
CA ASN A 171 -14.70 4.81 -6.06
C ASN A 171 -15.15 3.37 -6.04
N TYR A 172 -14.63 2.55 -6.96
CA TYR A 172 -14.98 1.13 -6.97
C TYR A 172 -14.55 0.47 -5.67
N GLU A 173 -13.40 0.85 -5.14
CA GLU A 173 -12.89 0.23 -3.93
C GLU A 173 -13.62 0.69 -2.68
N LYS A 174 -14.14 1.92 -2.65
CA LYS A 174 -14.93 2.32 -1.48
C LYS A 174 -16.22 1.52 -1.41
N LEU A 175 -16.90 1.34 -2.55
CA LEU A 175 -18.11 0.53 -2.56
C LEU A 175 -17.80 -0.92 -2.22
N GLN A 176 -16.60 -1.40 -2.57
CA GLN A 176 -16.21 -2.77 -2.24
C GLN A 176 -15.98 -2.93 -0.74
N LEU A 177 -15.35 -1.93 -0.12
CA LEU A 177 -15.20 -1.92 1.33
C LEU A 177 -16.57 -1.93 2.03
N ALA A 178 -17.55 -1.24 1.44
CA ALA A 178 -18.89 -1.19 2.04
C ALA A 178 -19.55 -2.57 2.10
N ASP A 179 -19.17 -3.48 1.20
CA ASP A 179 -19.70 -4.83 1.21
C ASP A 179 -19.26 -5.60 2.44
N ALA A 180 -18.19 -5.17 3.10
CA ALA A 180 -17.64 -5.89 4.24
C ALA A 180 -17.87 -5.18 5.57
N LEU A 181 -18.49 -3.99 5.56
CA LEU A 181 -18.74 -3.20 6.76
C LEU A 181 -20.05 -3.60 7.44
N SER A 182 -20.07 -3.49 8.76
CA SER A 182 -21.32 -3.59 9.51
C SER A 182 -21.26 -2.59 10.66
N SER A 183 -22.41 -2.10 11.09
CA SER A 183 -22.37 -0.98 12.03
C SER A 183 -22.81 -1.37 13.45
N ASP A 184 -22.45 -0.51 14.39
CA ASP A 184 -22.70 -0.72 15.82
C ASP A 184 -22.93 0.62 16.49
N GLU A 185 -23.79 0.60 17.51
CA GLU A 185 -24.00 1.73 18.40
C GLU A 185 -23.39 1.41 19.75
N PHE A 186 -22.68 2.36 20.33
CA PHE A 186 -22.14 2.20 21.67
C PHE A 186 -22.63 3.33 22.57
N GLU A 187 -22.72 3.03 23.81
CA GLU A 187 -23.13 4.02 24.78
C GLU A 187 -21.92 4.53 25.55
N PRO A 188 -22.04 5.71 26.18
CA PRO A 188 -20.89 6.26 26.93
C PRO A 188 -20.35 5.25 27.94
N GLY A 189 -19.04 5.02 27.88
CA GLY A 189 -18.40 4.07 28.74
C GLY A 189 -18.39 2.64 28.25
N ASP A 190 -19.00 2.35 27.09
CA ASP A 190 -18.88 1.02 26.49
C ASP A 190 -17.46 0.79 25.98
N TYR A 191 -16.99 -0.46 26.07
CA TYR A 191 -15.66 -0.81 25.56
C TYR A 191 -15.81 -1.31 24.12
N ILE A 192 -15.28 -0.54 23.18
CA ILE A 192 -15.31 -0.96 21.79
C ILE A 192 -14.17 -1.93 21.50
N ILE A 193 -12.99 -1.63 22.04
CA ILE A 193 -11.82 -2.49 21.98
C ILE A 193 -11.28 -2.62 23.40
N ARG A 194 -10.90 -3.84 23.77
N ARG A 194 -10.86 -3.83 23.75
CA ARG A 194 -10.47 -4.13 25.12
CA ARG A 194 -10.47 -4.16 25.11
C ARG A 194 -8.99 -4.49 25.10
C ARG A 194 -9.00 -4.53 25.12
N TYR A 195 -8.26 -3.95 26.06
CA TYR A 195 -6.81 -4.12 26.11
C TYR A 195 -6.41 -5.57 26.35
N GLY A 196 -5.37 -6.02 25.66
CA GLY A 196 -4.86 -7.36 25.86
C GLY A 196 -5.55 -8.45 25.04
N GLU A 197 -6.70 -8.16 24.44
CA GLU A 197 -7.40 -9.14 23.60
C GLU A 197 -6.93 -9.07 22.14
N GLU A 198 -7.36 -10.07 21.36
CA GLU A 198 -7.01 -10.12 19.95
C GLU A 198 -7.75 -9.05 19.15
N GLY A 199 -7.01 -8.31 18.33
CA GLY A 199 -7.63 -7.34 17.46
C GLY A 199 -8.33 -8.06 16.33
N GLU A 200 -9.65 -7.90 16.23
CA GLU A 200 -10.39 -8.56 15.18
C GLU A 200 -11.13 -7.62 14.25
N TRP A 201 -11.39 -6.38 14.69
CA TRP A 201 -12.16 -5.42 13.91
C TRP A 201 -11.48 -4.07 13.86
N LEU A 202 -11.40 -3.50 12.67
CA LEU A 202 -11.10 -2.08 12.50
C LEU A 202 -12.40 -1.28 12.47
N TYR A 203 -12.50 -0.26 13.33
CA TYR A 203 -13.72 0.54 13.45
C TYR A 203 -13.51 1.92 12.85
N ILE A 204 -14.43 2.33 12.00
CA ILE A 204 -14.48 3.70 11.51
C ILE A 204 -15.58 4.41 12.27
N ILE A 205 -15.26 5.59 12.79
CA ILE A 205 -16.19 6.33 13.62
C ILE A 205 -17.04 7.21 12.71
N LEU A 206 -18.36 7.05 12.79
CA LEU A 206 -19.30 7.82 12.00
C LEU A 206 -20.04 8.87 12.81
N GLU A 207 -20.11 8.71 14.13
CA GLU A 207 -20.69 9.69 15.03
C GLU A 207 -20.14 9.40 16.43
N GLY A 208 -19.76 10.47 17.16
CA GLY A 208 -19.31 10.34 18.53
C GLY A 208 -17.80 10.45 18.68
N SER A 209 -17.36 10.25 19.92
CA SER A 209 -15.97 10.38 20.35
C SER A 209 -15.57 9.17 21.19
N VAL A 210 -14.27 8.87 21.17
CA VAL A 210 -13.74 7.73 21.91
C VAL A 210 -12.43 8.13 22.58
N ASP A 211 -12.07 7.37 23.62
CA ASP A 211 -10.79 7.52 24.29
C ASP A 211 -9.94 6.27 24.04
N VAL A 212 -8.66 6.50 23.80
CA VAL A 212 -7.67 5.42 23.75
C VAL A 212 -7.04 5.35 25.13
N VAL A 213 -7.06 4.16 25.74
CA VAL A 213 -6.59 3.96 27.11
C VAL A 213 -5.61 2.79 27.10
N GLY A 214 -4.32 3.12 27.14
CA GLY A 214 -3.28 2.13 27.26
C GLY A 214 -2.92 1.90 28.71
N ARG A 215 -1.71 1.38 28.91
CA ARG A 215 -1.18 1.17 30.24
C ARG A 215 0.29 1.60 30.25
N ASP A 216 0.76 2.06 31.41
CA ASP A 216 2.17 2.39 31.55
C ASP A 216 2.95 1.11 31.92
N ASP A 217 4.25 1.27 32.17
CA ASP A 217 5.08 0.13 32.60
C ASP A 217 4.53 -0.50 33.87
N ASP A 218 4.13 0.32 34.83
CA ASP A 218 3.59 -0.19 36.09
C ASP A 218 2.23 -0.87 35.92
N GLY A 219 1.57 -0.69 34.78
CA GLY A 219 0.25 -1.27 34.55
C GLY A 219 -0.92 -0.37 34.89
N ASN A 220 -0.67 0.91 35.15
CA ASN A 220 -1.77 1.84 35.39
C ASN A 220 -2.42 2.26 34.07
N GLU A 221 -3.73 2.47 34.12
CA GLU A 221 -4.43 3.11 33.00
C GLU A 221 -3.80 4.44 32.65
N LYS A 222 -3.72 4.71 31.35
CA LYS A 222 -3.06 5.90 30.84
C LYS A 222 -3.85 6.42 29.63
N HIS A 223 -4.29 7.67 29.69
CA HIS A 223 -5.00 8.28 28.58
C HIS A 223 -4.02 8.57 27.44
N VAL A 224 -4.35 8.12 26.24
CA VAL A 224 -3.44 8.19 25.11
C VAL A 224 -3.88 9.22 24.08
N TRP A 225 -5.17 9.27 23.76
CA TRP A 225 -5.66 10.12 22.67
C TRP A 225 -7.17 10.08 22.64
N GLU A 226 -7.77 11.10 22.02
CA GLU A 226 -9.21 11.17 21.78
C GLU A 226 -9.43 11.19 20.27
N PHE A 227 -10.32 10.33 19.77
CA PHE A 227 -10.64 10.26 18.35
C PHE A 227 -12.12 10.51 18.13
N GLY A 228 -12.47 10.97 16.92
CA GLY A 228 -13.83 11.33 16.62
C GLY A 228 -14.32 10.90 15.25
N LYS A 229 -15.36 11.56 14.76
CA LYS A 229 -15.96 11.24 13.48
C LYS A 229 -14.90 11.16 12.41
N GLY A 230 -14.96 10.12 11.59
CA GLY A 230 -14.02 9.93 10.50
C GLY A 230 -12.70 9.29 10.88
N ASP A 231 -12.44 9.04 12.16
CA ASP A 231 -11.23 8.39 12.60
C ASP A 231 -11.38 6.87 12.57
N HIS A 232 -10.25 6.20 12.70
CA HIS A 232 -10.18 4.76 12.62
C HIS A 232 -9.38 4.26 13.80
N VAL A 233 -9.79 3.11 14.33
CA VAL A 233 -9.10 2.46 15.43
C VAL A 233 -9.16 0.95 15.24
N GLY A 234 -8.13 0.27 15.74
CA GLY A 234 -8.06 -1.17 15.74
C GLY A 234 -7.08 -1.73 14.73
N GLU A 235 -6.65 -0.92 13.76
CA GLU A 235 -5.79 -1.40 12.67
C GLU A 235 -4.35 -1.64 13.09
N LEU A 236 -3.92 -1.15 14.26
CA LEU A 236 -2.53 -1.35 14.64
C LEU A 236 -2.23 -2.82 14.87
N GLU A 237 -3.16 -3.54 15.50
CA GLU A 237 -2.94 -4.98 15.71
C GLU A 237 -3.02 -5.77 14.40
N PHE A 238 -3.68 -5.22 13.37
CA PHE A 238 -3.68 -5.88 12.07
C PHE A 238 -2.32 -5.76 11.42
N LEU A 239 -1.77 -4.54 11.41
CA LEU A 239 -0.45 -4.28 10.81
C LEU A 239 0.63 -5.18 11.41
N ASN A 240 0.76 -5.18 12.73
CA ASN A 240 1.94 -5.78 13.34
C ASN A 240 1.62 -6.94 14.30
N ASN A 241 0.44 -7.55 14.15
CA ASN A 241 0.20 -8.89 14.67
C ASN A 241 0.60 -9.02 16.15
N HIS A 242 -0.20 -8.36 16.98
CA HIS A 242 0.00 -8.39 18.42
C HIS A 242 -1.34 -8.13 19.08
N ALA A 243 -1.37 -8.35 20.40
CA ALA A 243 -2.57 -8.12 21.18
C ALA A 243 -2.91 -6.63 21.23
N ASN A 244 -4.18 -6.33 21.52
CA ASN A 244 -4.63 -4.95 21.67
C ASN A 244 -3.77 -4.23 22.70
N VAL A 245 -3.17 -3.10 22.29
CA VAL A 245 -2.29 -2.34 23.16
C VAL A 245 -3.06 -1.32 24.01
N ALA A 246 -4.37 -1.21 23.84
CA ALA A 246 -5.12 -0.21 24.57
C ALA A 246 -6.60 -0.57 24.53
N ASP A 247 -7.36 -0.02 25.48
CA ASP A 247 -8.80 0.00 25.32
C ASP A 247 -9.20 1.16 24.42
N VAL A 248 -10.36 1.03 23.79
CA VAL A 248 -11.04 2.14 23.14
C VAL A 248 -12.44 2.22 23.74
N VAL A 249 -12.74 3.33 24.40
CA VAL A 249 -13.96 3.47 25.20
C VAL A 249 -14.76 4.63 24.62
N ALA A 250 -16.05 4.40 24.42
CA ALA A 250 -16.95 5.44 23.93
C ALA A 250 -17.10 6.53 24.99
N LYS A 251 -16.81 7.78 24.61
CA LYS A 251 -17.02 8.92 25.49
C LYS A 251 -18.43 9.48 25.36
N THR A 252 -18.97 9.42 24.15
CA THR A 252 -20.28 9.93 23.74
C THR A 252 -21.10 8.73 23.26
N HIS A 253 -22.39 8.91 22.95
CA HIS A 253 -23.07 7.90 22.14
CA HIS A 253 -23.05 7.90 22.13
C HIS A 253 -22.35 7.82 20.80
N VAL A 254 -21.84 6.65 20.46
CA VAL A 254 -21.01 6.54 19.26
C VAL A 254 -21.59 5.50 18.30
N VAL A 255 -21.36 5.74 17.01
CA VAL A 255 -21.78 4.84 15.93
C VAL A 255 -20.56 4.54 15.07
N THR A 256 -20.35 3.24 14.77
CA THR A 256 -19.17 2.76 14.06
C THR A 256 -19.57 1.83 12.92
N ALA A 257 -18.74 1.81 11.88
CA ALA A 257 -18.68 0.71 10.93
C ALA A 257 -17.39 -0.05 11.16
N LYS A 258 -17.47 -1.39 11.20
CA LYS A 258 -16.32 -2.25 11.47
C LYS A 258 -16.04 -3.19 10.30
N LEU A 259 -14.76 -3.51 10.14
CA LEU A 259 -14.24 -4.37 9.09
C LEU A 259 -13.51 -5.53 9.74
N ASN A 260 -13.83 -6.74 9.33
CA ASN A 260 -13.18 -7.88 9.96
C ASN A 260 -11.76 -8.03 9.43
N ARG A 261 -10.90 -8.65 10.25
CA ARG A 261 -9.50 -8.80 9.88
C ARG A 261 -9.34 -9.58 8.58
N ARG A 262 -10.19 -10.58 8.37
CA ARG A 262 -10.06 -11.41 7.18
C ARG A 262 -10.29 -10.62 5.90
N HIS A 263 -10.90 -9.42 5.98
CA HIS A 263 -11.11 -8.55 4.83
C HIS A 263 -10.15 -7.37 4.81
N PHE A 264 -9.21 -7.31 5.75
CA PHE A 264 -8.31 -6.18 5.85
C PHE A 264 -7.56 -5.92 4.54
N GLU A 265 -6.76 -6.88 4.10
CA GLU A 265 -5.94 -6.66 2.92
C GLU A 265 -6.80 -6.53 1.67
N MET A 266 -7.85 -7.36 1.56
CA MET A 266 -8.74 -7.30 0.40
C MET A 266 -9.29 -5.91 0.18
N CYS A 267 -9.67 -5.23 1.26
CA CYS A 267 -10.41 -3.98 1.17
C CYS A 267 -9.55 -2.74 1.33
N LEU A 268 -8.45 -2.83 2.07
CA LEU A 268 -7.67 -1.65 2.44
C LEU A 268 -6.25 -1.65 1.89
N GLY A 269 -5.88 -2.67 1.09
CA GLY A 269 -4.59 -2.72 0.43
C GLY A 269 -4.03 -1.38 -0.01
N PRO A 270 -4.82 -0.57 -0.73
CA PRO A 270 -4.28 0.70 -1.23
C PRO A 270 -3.95 1.72 -0.14
N VAL A 271 -4.58 1.68 1.04
CA VAL A 271 -4.27 2.65 2.08
C VAL A 271 -3.50 2.04 3.23
N ILE A 272 -2.99 0.80 3.07
CA ILE A 272 -2.18 0.19 4.12
C ILE A 272 -0.97 1.07 4.45
N ASP A 273 -0.29 1.59 3.42
CA ASP A 273 0.90 2.39 3.69
C ASP A 273 0.56 3.69 4.43
N VAL A 274 -0.64 4.24 4.21
CA VAL A 274 -1.09 5.40 4.95
C VAL A 274 -1.31 5.06 6.42
N LEU A 275 -1.88 3.88 6.70
CA LEU A 275 -2.06 3.47 8.09
C LEU A 275 -0.72 3.28 8.81
N LYS A 276 0.31 2.81 8.09
CA LYS A 276 1.63 2.70 8.71
C LYS A 276 2.24 4.07 8.98
N ARG A 277 2.14 4.98 8.01
CA ARG A 277 2.54 6.38 8.24
C ARG A 277 1.81 6.95 9.48
N THR A 278 0.50 6.72 9.57
CA THR A 278 -0.27 7.25 10.68
C THR A 278 0.27 6.72 12.01
N SER A 279 0.73 5.47 12.02
CA SER A 279 1.22 4.85 13.25
C SER A 279 2.61 5.36 13.67
N GLN A 280 3.25 6.22 12.87
CA GLN A 280 4.49 6.88 13.25
C GLN A 280 4.30 8.36 13.54
N GLN A 281 3.07 8.82 13.66
CA GLN A 281 2.82 10.21 13.99
C GLN A 281 3.01 10.46 15.48
N PRO A 282 3.14 11.73 15.88
CA PRO A 282 3.38 12.01 17.31
C PRO A 282 2.26 11.53 18.23
N ASN A 283 1.03 11.35 17.73
CA ASN A 283 -0.03 10.89 18.61
C ASN A 283 -0.01 9.38 18.82
N TYR A 284 0.92 8.65 18.17
CA TYR A 284 1.20 7.26 18.45
C TYR A 284 2.53 7.08 19.17
N GLU A 285 3.02 8.14 19.84
CA GLU A 285 4.22 8.03 20.67
C GLU A 285 4.06 6.94 21.71
N TYR A 286 2.91 6.91 22.39
CA TYR A 286 2.61 5.82 23.31
C TYR A 286 2.82 4.46 22.64
N TYR A 287 2.19 4.25 21.47
CA TYR A 287 2.30 2.98 20.77
C TYR A 287 3.72 2.73 20.30
N GLN A 288 4.40 3.78 19.85
CA GLN A 288 5.81 3.65 19.46
C GLN A 288 6.62 3.01 20.57
N SER A 289 6.53 3.55 21.78
CA SER A 289 7.36 3.03 22.86
C SER A 289 6.90 1.66 23.36
N LYS A 290 5.81 1.10 22.84
CA LYS A 290 5.44 -0.26 23.23
C LYS A 290 6.24 -1.31 22.49
N LEU A 291 7.15 -0.90 21.62
CA LEU A 291 8.13 -1.82 21.03
C LEU A 291 9.56 -1.34 21.31
N TYR B 21 1.22 29.61 4.98
CA TYR B 21 0.95 29.35 3.56
C TYR B 21 -0.25 28.46 3.37
N VAL B 22 -1.14 28.86 2.47
CA VAL B 22 -2.33 28.11 2.12
C VAL B 22 -2.16 27.54 0.72
N ALA B 23 -2.44 26.20 0.56
CA ALA B 23 -2.22 25.63 -0.76
C ALA B 23 -3.46 25.83 -1.64
N PRO B 24 -3.29 25.91 -2.95
CA PRO B 24 -4.46 25.91 -3.82
C PRO B 24 -5.11 24.53 -3.83
N TYR B 25 -6.35 24.49 -4.27
CA TYR B 25 -7.14 23.27 -4.23
C TYR B 25 -7.96 23.16 -5.50
N PHE B 26 -7.72 22.10 -6.28
CA PHE B 26 -8.45 21.82 -7.51
C PHE B 26 -9.24 20.54 -7.30
N GLU B 27 -10.56 20.65 -7.17
CA GLU B 27 -11.39 19.48 -6.95
C GLU B 27 -11.20 18.50 -8.09
N LYS B 28 -11.23 17.21 -7.73
CA LYS B 28 -10.97 16.15 -8.70
C LYS B 28 -11.72 14.90 -8.25
N SER B 29 -11.78 13.93 -9.14
CA SER B 29 -12.67 12.82 -8.87
C SER B 29 -12.09 11.94 -7.77
N GLU B 30 -12.98 11.18 -7.15
CA GLU B 30 -12.55 10.13 -6.23
C GLU B 30 -11.39 9.33 -6.79
N ASP B 31 -11.50 8.91 -8.06
CA ASP B 31 -10.46 8.10 -8.69
C ASP B 31 -9.18 8.89 -8.87
N GLU B 32 -9.30 10.15 -9.29
CA GLU B 32 -8.10 10.98 -9.46
C GLU B 32 -7.36 11.13 -8.14
N THR B 33 -8.06 11.57 -7.11
CA THR B 33 -7.47 11.69 -5.77
C THR B 33 -6.79 10.39 -5.37
N ALA B 34 -7.50 9.26 -5.51
CA ALA B 34 -6.91 7.97 -5.14
C ALA B 34 -5.67 7.67 -5.98
N LEU B 35 -5.76 7.92 -7.29
CA LEU B 35 -4.63 7.65 -8.17
C LEU B 35 -3.44 8.55 -7.83
N ILE B 36 -3.70 9.82 -7.50
CA ILE B 36 -2.63 10.71 -7.09
C ILE B 36 -2.01 10.24 -5.79
N LEU B 37 -2.85 9.83 -4.84
CA LEU B 37 -2.33 9.43 -3.54
C LEU B 37 -1.35 8.27 -3.66
N LYS B 38 -1.61 7.35 -4.60
CA LYS B 38 -0.70 6.23 -4.82
C LYS B 38 0.59 6.65 -5.51
N LEU B 39 0.55 7.64 -6.41
CA LEU B 39 1.82 8.13 -6.96
C LEU B 39 2.65 8.83 -5.88
N LEU B 40 2.02 9.69 -5.06
CA LEU B 40 2.75 10.36 -3.98
C LEU B 40 3.36 9.35 -3.01
N THR B 41 2.70 8.21 -2.81
CA THR B 41 3.19 7.27 -1.82
C THR B 41 4.54 6.72 -2.22
N TYR B 42 4.74 6.42 -3.49
CA TYR B 42 5.93 5.72 -3.90
C TYR B 42 7.03 6.66 -4.41
N ASN B 43 6.76 7.95 -4.53
CA ASN B 43 7.75 8.88 -5.05
C ASN B 43 8.55 9.48 -3.90
N VAL B 44 9.88 9.35 -3.98
CA VAL B 44 10.74 9.75 -2.86
C VAL B 44 10.62 11.23 -2.46
N LEU B 45 10.09 12.09 -3.33
CA LEU B 45 9.98 13.51 -2.97
C LEU B 45 9.05 13.74 -1.79
N PHE B 46 8.20 12.77 -1.47
CA PHE B 46 7.14 12.98 -0.50
C PHE B 46 7.27 12.04 0.70
N SER B 47 8.43 11.39 0.86
CA SER B 47 8.53 10.22 1.73
C SER B 47 8.28 10.57 3.19
N PHE B 48 8.46 11.83 3.58
CA PHE B 48 8.32 12.25 4.96
C PHE B 48 6.96 12.86 5.26
N LEU B 49 6.10 13.03 4.26
CA LEU B 49 4.81 13.67 4.50
C LEU B 49 3.85 12.70 5.18
N ASP B 50 3.09 13.22 6.15
CA ASP B 50 2.04 12.39 6.75
C ASP B 50 0.78 12.46 5.88
N SER B 51 -0.26 11.76 6.34
CA SER B 51 -1.49 11.66 5.55
CA SER B 51 -1.49 11.65 5.56
C SER B 51 -2.15 13.03 5.35
N ARG B 52 -2.08 13.90 6.36
CA ARG B 52 -2.65 15.23 6.19
C ARG B 52 -1.97 15.98 5.05
N ASP B 53 -0.63 15.97 5.01
CA ASP B 53 0.07 16.73 3.97
C ASP B 53 -0.07 16.07 2.61
N LEU B 54 -0.07 14.75 2.58
CA LEU B 54 -0.30 14.07 1.31
C LEU B 54 -1.62 14.51 0.70
N MET B 55 -2.68 14.57 1.51
CA MET B 55 -3.98 15.00 0.98
C MET B 55 -3.93 16.46 0.52
N THR B 56 -3.23 17.30 1.27
CA THR B 56 -3.11 18.68 0.81
C THR B 56 -2.37 18.76 -0.52
N VAL B 57 -1.27 18.02 -0.66
CA VAL B 57 -0.51 18.05 -1.90
C VAL B 57 -1.38 17.62 -3.08
N ALA B 58 -2.08 16.48 -2.93
CA ALA B 58 -2.96 15.98 -4.00
C ALA B 58 -4.06 16.98 -4.37
N GLY B 59 -4.54 17.75 -3.39
CA GLY B 59 -5.50 18.78 -3.70
C GLY B 59 -4.90 19.90 -4.55
N ALA B 60 -3.63 20.23 -4.31
CA ALA B 60 -2.95 21.30 -5.02
C ALA B 60 -2.59 20.93 -6.46
N MET B 61 -2.65 19.66 -6.82
CA MET B 61 -2.15 19.22 -8.11
C MET B 61 -3.24 19.30 -9.17
N TRP B 62 -2.82 19.38 -10.43
CA TRP B 62 -3.78 19.43 -11.52
C TRP B 62 -3.25 18.63 -12.70
N ARG B 63 -4.19 18.20 -13.53
CA ARG B 63 -3.92 17.22 -14.56
C ARG B 63 -3.34 17.90 -15.78
N VAL B 64 -2.32 17.27 -16.38
CA VAL B 64 -1.76 17.73 -17.64
C VAL B 64 -1.55 16.51 -18.52
N GLU B 65 -1.74 16.70 -19.82
CA GLU B 65 -1.61 15.65 -20.83
C GLU B 65 -0.67 16.12 -21.93
N PHE B 66 0.24 15.24 -22.34
CA PHE B 66 1.15 15.53 -23.43
C PHE B 66 1.12 14.43 -24.47
N LYS B 67 1.65 14.74 -25.66
CA LYS B 67 1.74 13.76 -26.73
C LYS B 67 3.20 13.53 -27.09
N GLN B 68 3.44 12.46 -27.84
CA GLN B 68 4.78 12.09 -28.27
C GLN B 68 5.51 13.26 -28.92
N ASP B 69 6.76 13.46 -28.50
CA ASP B 69 7.68 14.53 -28.90
C ASP B 69 7.33 15.91 -28.32
N ASP B 70 6.33 16.00 -27.46
CA ASP B 70 6.17 17.20 -26.67
C ASP B 70 7.34 17.33 -25.71
N CYS B 71 7.82 18.56 -25.54
CA CYS B 71 8.84 18.87 -24.55
C CYS B 71 8.15 19.49 -23.34
N ILE B 72 7.95 18.69 -22.29
CA ILE B 72 7.33 19.23 -21.08
C ILE B 72 8.15 20.41 -20.54
N MET B 73 9.47 20.39 -20.73
CA MET B 73 10.30 21.54 -20.37
C MET B 73 11.58 21.47 -21.19
N GLU B 74 12.23 22.62 -21.36
CA GLU B 74 13.42 22.75 -22.18
C GLU B 74 14.65 23.02 -21.32
N ALA B 75 15.75 22.35 -21.65
CA ALA B 75 17.00 22.67 -20.98
C ALA B 75 17.27 24.16 -21.11
N GLY B 76 17.49 24.82 -19.98
CA GLY B 76 17.91 26.21 -19.97
C GLY B 76 16.81 27.21 -19.69
N GLN B 77 15.54 26.83 -19.74
CA GLN B 77 14.55 27.85 -19.43
C GLN B 77 14.46 28.06 -17.93
N THR B 78 14.06 29.27 -17.54
CA THR B 78 14.17 29.70 -16.15
C THR B 78 12.83 30.05 -15.52
N THR B 79 11.75 30.09 -16.29
CA THR B 79 10.41 30.07 -15.72
C THR B 79 10.13 28.62 -15.35
N CYS B 80 10.34 28.27 -14.08
CA CYS B 80 10.21 26.90 -13.60
C CYS B 80 9.26 26.93 -12.40
N ASP B 81 7.96 26.92 -12.67
CA ASP B 81 6.93 27.11 -11.64
C ASP B 81 6.22 25.81 -11.24
N LYS B 82 6.64 24.65 -11.74
CA LYS B 82 5.95 23.41 -11.42
C LYS B 82 6.84 22.21 -11.69
N LEU B 83 6.58 21.14 -10.95
CA LEU B 83 7.07 19.81 -11.28
C LEU B 83 5.89 18.95 -11.72
N TYR B 84 6.17 17.73 -12.15
CA TYR B 84 5.13 16.82 -12.56
C TYR B 84 5.42 15.42 -12.02
N ILE B 85 4.39 14.71 -11.60
CA ILE B 85 4.51 13.28 -11.32
C ILE B 85 3.91 12.52 -12.49
N ILE B 86 4.69 11.63 -13.10
CA ILE B 86 4.20 10.88 -14.24
C ILE B 86 3.16 9.85 -13.79
N GLN B 87 1.94 9.97 -14.32
CA GLN B 87 0.88 8.96 -14.09
C GLN B 87 1.02 7.80 -15.09
N ASP B 88 0.79 8.09 -16.37
CA ASP B 88 0.99 7.09 -17.42
C ASP B 88 1.91 7.66 -18.49
N GLY B 89 2.85 6.84 -18.96
CA GLY B 89 3.73 7.25 -20.05
C GLY B 89 5.18 7.37 -19.60
N LYS B 90 6.02 7.74 -20.56
CA LYS B 90 7.47 7.81 -20.36
C LYS B 90 8.05 9.01 -21.11
N ALA B 91 9.11 9.59 -20.55
CA ALA B 91 9.74 10.74 -21.17
C ALA B 91 11.25 10.57 -21.18
N ASP B 92 11.89 11.13 -22.22
CA ASP B 92 13.34 11.14 -22.32
C ASP B 92 13.92 12.37 -21.63
N ILE B 93 14.98 12.17 -20.84
CA ILE B 93 15.79 13.27 -20.32
C ILE B 93 16.99 13.44 -21.24
N ILE B 94 17.21 14.66 -21.73
CA ILE B 94 18.14 14.91 -22.83
C ILE B 94 19.01 16.12 -22.56
N LYS B 95 20.34 15.93 -22.66
CA LYS B 95 21.31 17.01 -22.49
C LYS B 95 22.30 16.95 -23.65
N GLU B 96 22.48 18.10 -24.31
CA GLU B 96 23.33 18.18 -25.50
C GLU B 96 22.92 17.15 -26.56
N GLY B 97 21.61 16.97 -26.71
CA GLY B 97 21.11 16.13 -27.77
C GLY B 97 21.28 14.65 -27.57
N GLN B 98 21.72 14.22 -26.39
CA GLN B 98 21.86 12.80 -26.05
C GLN B 98 20.86 12.46 -24.96
N LYS B 99 20.14 11.34 -25.14
CA LYS B 99 19.24 10.81 -24.11
C LYS B 99 20.08 10.29 -22.94
N VAL B 100 19.98 10.94 -21.78
CA VAL B 100 20.79 10.54 -20.64
C VAL B 100 19.97 9.79 -19.59
N TYR B 101 18.66 9.79 -19.70
CA TYR B 101 17.85 9.08 -18.71
C TYR B 101 16.48 8.81 -19.32
N LEU B 102 15.79 7.83 -18.76
CA LEU B 102 14.41 7.56 -19.09
C LEU B 102 13.57 7.73 -17.84
N LYS B 103 12.58 8.62 -17.91
CA LYS B 103 11.68 8.91 -16.80
C LYS B 103 10.37 8.17 -17.00
N VAL B 104 10.06 7.24 -16.07
CA VAL B 104 8.93 6.31 -16.26
C VAL B 104 7.80 6.63 -15.28
N GLU B 105 6.69 5.88 -15.39
CA GLU B 105 5.53 6.08 -14.52
C GLU B 105 5.95 6.09 -13.06
N GLY B 106 5.37 7.01 -12.30
CA GLY B 106 5.64 7.11 -10.89
C GLY B 106 6.79 8.03 -10.52
N THR B 107 7.61 8.43 -11.51
CA THR B 107 8.73 9.33 -11.25
C THR B 107 8.32 10.78 -11.54
N ALA B 108 9.14 11.70 -11.04
CA ALA B 108 8.96 13.14 -11.17
C ALA B 108 9.87 13.71 -12.25
N VAL B 109 9.41 14.76 -12.90
CA VAL B 109 10.24 15.57 -13.79
C VAL B 109 9.98 17.04 -13.46
N GLY B 110 11.06 17.82 -13.42
CA GLY B 110 10.96 19.24 -13.13
C GLY B 110 11.14 19.61 -11.68
N GLU B 111 11.78 18.74 -10.89
CA GLU B 111 11.90 18.93 -9.45
C GLU B 111 13.19 19.64 -9.07
N LEU B 112 14.24 19.52 -9.88
CA LEU B 112 15.52 20.12 -9.52
C LEU B 112 15.42 21.64 -9.42
N ALA B 113 14.69 22.27 -10.35
CA ALA B 113 14.60 23.73 -10.35
C ALA B 113 13.75 24.25 -9.19
N LEU B 114 12.68 23.55 -8.84
CA LEU B 114 11.91 23.95 -7.66
C LEU B 114 12.76 23.84 -6.41
N MET B 115 13.65 22.84 -6.37
CA MET B 115 14.42 22.56 -5.18
C MET B 115 15.66 23.45 -5.08
N TYR B 116 16.48 23.51 -6.14
CA TYR B 116 17.73 24.26 -6.13
C TYR B 116 17.59 25.67 -6.69
N GLN B 117 16.39 26.08 -7.10
CA GLN B 117 16.16 27.39 -7.73
C GLN B 117 17.06 27.58 -8.96
N THR B 118 17.22 26.51 -9.76
CA THR B 118 18.10 26.49 -10.93
C THR B 118 17.31 26.54 -12.24
N PRO B 119 17.98 26.84 -13.36
CA PRO B 119 17.32 26.66 -14.66
C PRO B 119 17.10 25.19 -14.96
N ARG B 120 16.17 24.91 -15.87
CA ARG B 120 15.93 23.50 -16.22
C ARG B 120 17.23 22.86 -16.68
N ALA B 121 17.64 21.80 -16.00
CA ALA B 121 18.92 21.16 -16.25
C ALA B 121 18.88 20.22 -17.46
N ALA B 122 17.72 19.99 -18.07
CA ALA B 122 17.61 19.04 -19.16
C ALA B 122 16.29 19.27 -19.88
N THR B 123 16.20 18.78 -21.10
CA THR B 123 14.93 18.74 -21.80
C THR B 123 14.19 17.45 -21.41
N VAL B 124 12.89 17.57 -21.16
CA VAL B 124 12.04 16.40 -20.93
C VAL B 124 11.14 16.26 -22.15
N LYS B 125 11.27 15.14 -22.86
CA LYS B 125 10.61 14.92 -24.14
C LYS B 125 9.83 13.62 -24.11
N VAL B 126 8.50 13.71 -24.28
CA VAL B 126 7.64 12.53 -24.20
C VAL B 126 8.06 11.54 -25.27
N CYS B 127 8.31 10.30 -24.85
CA CYS B 127 8.62 9.24 -25.81
C CYS B 127 7.60 8.11 -25.83
N THR B 128 6.49 8.23 -25.12
CA THR B 128 5.34 7.39 -25.44
C THR B 128 4.38 8.15 -26.34
N PRO B 129 3.38 7.47 -26.92
CA PRO B 129 2.36 8.22 -27.70
C PRO B 129 1.66 9.31 -26.90
N GLU B 130 1.39 9.06 -25.63
CA GLU B 130 0.77 10.06 -24.76
C GLU B 130 1.40 9.97 -23.39
N LEU B 131 1.43 11.09 -22.65
CA LEU B 131 1.89 11.11 -21.26
C LEU B 131 0.88 11.83 -20.38
N ILE B 132 0.46 11.19 -19.29
CA ILE B 132 -0.42 11.81 -18.30
C ILE B 132 0.37 12.07 -17.04
N ALA B 133 0.26 13.30 -16.51
CA ALA B 133 1.00 13.71 -15.33
C ALA B 133 0.10 14.58 -14.45
N TRP B 134 0.56 14.85 -13.25
CA TRP B 134 -0.11 15.79 -12.37
C TRP B 134 0.88 16.87 -11.97
N ALA B 135 0.57 18.11 -12.29
CA ALA B 135 1.50 19.18 -11.97
C ALA B 135 1.36 19.58 -10.50
N LEU B 136 2.48 20.04 -9.93
CA LEU B 136 2.56 20.58 -8.58
C LEU B 136 3.32 21.90 -8.67
N ASP B 137 2.78 22.95 -8.07
CA ASP B 137 3.37 24.28 -8.24
C ASP B 137 4.52 24.53 -7.27
N ARG B 138 5.34 25.52 -7.65
CA ARG B 138 6.62 25.76 -6.97
C ARG B 138 6.41 26.23 -5.54
N ASP B 139 5.44 27.11 -5.31
CA ASP B 139 5.20 27.61 -3.96
C ASP B 139 4.68 26.50 -3.05
N THR B 140 3.75 25.67 -3.54
CA THR B 140 3.29 24.56 -2.72
C THR B 140 4.43 23.58 -2.47
N TYR B 141 5.17 23.22 -3.51
CA TYR B 141 6.29 22.30 -3.31
C TYR B 141 7.27 22.86 -2.29
N ARG B 142 7.60 24.15 -2.41
CA ARG B 142 8.70 24.69 -1.61
C ARG B 142 8.29 24.86 -0.15
N HIS B 143 7.03 25.22 0.11
CA HIS B 143 6.59 25.45 1.47
C HIS B 143 5.98 24.24 2.16
N LEU B 144 5.55 23.22 1.42
CA LEU B 144 4.92 22.05 2.02
C LEU B 144 5.78 20.80 1.98
N VAL B 145 6.44 20.52 0.85
CA VAL B 145 7.13 19.25 0.64
C VAL B 145 8.62 19.36 0.92
N MET B 146 9.29 20.34 0.30
CA MET B 146 10.75 20.37 0.25
C MET B 146 11.38 20.11 1.63
N GLY B 147 10.98 20.90 2.63
CA GLY B 147 11.57 20.71 3.95
C GLY B 147 13.07 20.90 3.88
N SER B 148 13.82 19.99 4.50
CA SER B 148 15.28 20.07 4.45
C SER B 148 15.85 19.13 3.40
N ALA B 149 15.22 19.12 2.23
CA ALA B 149 15.72 18.32 1.11
C ALA B 149 17.17 18.62 0.78
N ILE B 150 17.56 19.89 0.84
CA ILE B 150 18.88 20.29 0.38
C ILE B 150 19.95 19.96 1.42
N ARG B 151 19.61 20.11 2.71
CA ARG B 151 20.54 19.68 3.76
C ARG B 151 20.66 18.16 3.81
N ARG B 152 19.55 17.46 3.53
CA ARG B 152 19.59 15.99 3.50
C ARG B 152 20.46 15.50 2.35
N ARG B 153 20.37 16.15 1.19
CA ARG B 153 21.20 15.75 0.05
C ARG B 153 22.66 16.08 0.29
N GLU B 154 22.93 17.29 0.78
CA GLU B 154 24.30 17.72 1.01
C GLU B 154 24.99 16.87 2.07
N THR B 155 24.24 16.48 3.10
CA THR B 155 24.82 15.70 4.20
C THR B 155 25.10 14.27 3.76
N TYR B 156 24.08 13.56 3.27
CA TYR B 156 24.22 12.13 3.01
C TYR B 156 25.10 11.83 1.81
N ILE B 157 25.28 12.78 0.90
CA ILE B 157 26.04 12.49 -0.32
C ILE B 157 27.52 12.27 -0.02
N GLN B 158 28.02 12.81 1.10
CA GLN B 158 29.38 12.54 1.51
C GLN B 158 29.58 11.06 1.88
N PHE B 159 28.55 10.43 2.44
CA PHE B 159 28.66 9.03 2.83
C PHE B 159 28.32 8.12 1.67
N LEU B 160 27.27 8.46 0.93
CA LEU B 160 26.71 7.55 -0.08
C LEU B 160 27.70 7.24 -1.18
N THR B 161 28.69 8.11 -1.41
CA THR B 161 29.59 7.87 -2.53
C THR B 161 30.61 6.80 -2.23
N ASN B 162 30.80 6.42 -0.97
CA ASN B 162 31.70 5.34 -0.60
C ASN B 162 30.94 4.18 0.00
N ILE B 163 29.74 3.93 -0.51
CA ILE B 163 28.89 2.84 -0.07
C ILE B 163 28.89 1.79 -1.19
N PRO B 164 29.50 0.62 -0.97
CA PRO B 164 29.69 -0.33 -2.09
C PRO B 164 28.43 -0.66 -2.86
N PHE B 165 27.34 -1.01 -2.19
CA PHE B 165 26.19 -1.47 -2.95
C PHE B 165 25.50 -0.33 -3.69
N LEU B 166 25.88 0.91 -3.40
CA LEU B 166 25.29 2.06 -4.06
C LEU B 166 26.13 2.57 -5.23
N SER B 167 27.31 2.00 -5.47
CA SER B 167 28.22 2.54 -6.48
C SER B 167 27.62 2.50 -7.89
N GLY B 168 26.76 1.52 -8.17
CA GLY B 168 26.13 1.47 -9.47
C GLY B 168 24.99 2.46 -9.69
N LEU B 169 24.59 3.22 -8.66
CA LEU B 169 23.71 4.36 -8.94
C LEU B 169 24.52 5.54 -9.45
N ASP B 170 23.96 6.24 -10.42
CA ASP B 170 24.59 7.45 -10.91
C ASP B 170 24.31 8.61 -9.94
N ASN B 171 24.82 9.81 -10.28
CA ASN B 171 24.80 10.92 -9.35
C ASN B 171 23.39 11.45 -9.13
N TYR B 172 22.55 11.47 -10.18
CA TYR B 172 21.16 11.83 -9.98
C TYR B 172 20.48 10.86 -9.03
N GLU B 173 20.71 9.55 -9.24
CA GLU B 173 20.03 8.54 -8.41
C GLU B 173 20.56 8.53 -6.97
N LYS B 174 21.83 8.88 -6.76
CA LYS B 174 22.36 8.90 -5.40
C LYS B 174 21.76 10.05 -4.59
N LEU B 175 21.67 11.24 -5.21
CA LEU B 175 21.03 12.37 -4.54
C LEU B 175 19.53 12.14 -4.35
N GLN B 176 18.91 11.46 -5.31
CA GLN B 176 17.49 11.11 -5.20
C GLN B 176 17.23 10.17 -4.02
N LEU B 177 18.16 9.23 -3.77
CA LEU B 177 18.07 8.33 -2.62
C LEU B 177 18.14 9.09 -1.30
N ALA B 178 19.00 10.11 -1.22
CA ALA B 178 19.11 10.90 0.00
C ALA B 178 17.79 11.57 0.40
N ASP B 179 16.91 11.83 -0.58
CA ASP B 179 15.61 12.43 -0.26
C ASP B 179 14.81 11.56 0.68
N ALA B 180 14.92 10.25 0.58
CA ALA B 180 14.11 9.35 1.38
C ALA B 180 14.90 8.69 2.51
N LEU B 181 16.10 9.17 2.81
CA LEU B 181 16.89 8.62 3.91
C LEU B 181 16.68 9.39 5.20
N SER B 182 16.72 8.66 6.31
CA SER B 182 16.67 9.25 7.64
C SER B 182 17.66 8.50 8.51
N SER B 183 18.29 9.20 9.43
CA SER B 183 19.35 8.56 10.18
C SER B 183 18.86 8.17 11.56
N ASP B 184 19.52 7.15 12.12
CA ASP B 184 19.32 6.72 13.49
C ASP B 184 20.67 6.52 14.16
N GLU B 185 20.63 6.47 15.48
CA GLU B 185 21.78 6.08 16.28
C GLU B 185 21.38 4.91 17.16
N PHE B 186 22.29 3.94 17.30
CA PHE B 186 22.08 2.80 18.17
C PHE B 186 23.32 2.61 19.03
N GLU B 187 23.10 2.09 20.23
CA GLU B 187 24.18 1.81 21.15
C GLU B 187 24.35 0.31 21.36
N PRO B 188 25.52 -0.12 21.87
CA PRO B 188 25.77 -1.56 22.01
C PRO B 188 24.63 -2.31 22.66
N GLY B 189 24.22 -3.41 22.02
CA GLY B 189 23.08 -4.19 22.44
C GLY B 189 21.76 -3.82 21.79
N ASP B 190 21.64 -2.61 21.25
CA ASP B 190 20.38 -2.21 20.64
C ASP B 190 20.06 -3.08 19.43
N TYR B 191 18.83 -3.61 19.38
CA TYR B 191 18.35 -4.41 18.25
C TYR B 191 17.93 -3.48 17.13
N ILE B 192 18.79 -3.32 16.12
CA ILE B 192 18.44 -2.53 14.94
C ILE B 192 17.31 -3.20 14.18
N ILE B 193 17.40 -4.51 14.00
CA ILE B 193 16.38 -5.32 13.35
C ILE B 193 16.13 -6.49 14.28
N ARG B 194 14.88 -6.95 14.35
CA ARG B 194 14.52 -8.04 15.25
C ARG B 194 14.14 -9.29 14.47
N TYR B 195 14.68 -10.43 14.89
CA TYR B 195 14.31 -11.71 14.34
C TYR B 195 12.80 -11.92 14.40
N GLY B 196 12.23 -12.45 13.32
CA GLY B 196 10.84 -12.83 13.26
C GLY B 196 9.86 -11.75 12.86
N GLU B 197 10.22 -10.47 13.05
CA GLU B 197 9.30 -9.41 12.73
C GLU B 197 9.29 -9.16 11.22
N GLU B 198 8.42 -8.24 10.79
CA GLU B 198 8.35 -7.85 9.39
C GLU B 198 9.42 -6.79 9.11
N GLY B 199 9.97 -6.84 7.90
CA GLY B 199 11.04 -5.93 7.54
C GLY B 199 10.51 -4.69 6.87
N GLU B 200 10.76 -3.52 7.47
CA GLU B 200 10.28 -2.26 6.93
C GLU B 200 11.38 -1.33 6.44
N TRP B 201 12.64 -1.54 6.85
CA TRP B 201 13.70 -0.58 6.56
C TRP B 201 14.96 -1.27 6.06
N LEU B 202 15.54 -0.72 5.00
CA LEU B 202 16.91 -1.03 4.64
C LEU B 202 17.79 -0.01 5.36
N TYR B 203 18.73 -0.51 6.17
CA TYR B 203 19.66 0.31 6.94
C TYR B 203 21.04 0.33 6.28
N ILE B 204 21.66 1.50 6.26
CA ILE B 204 23.00 1.69 5.72
C ILE B 204 23.92 2.15 6.85
N ILE B 205 24.99 1.38 7.10
CA ILE B 205 25.87 1.65 8.24
C ILE B 205 26.87 2.76 7.89
N LEU B 206 26.79 3.88 8.59
CA LEU B 206 27.75 4.95 8.35
C LEU B 206 28.82 5.05 9.41
N GLU B 207 28.61 4.47 10.58
CA GLU B 207 29.61 4.40 11.62
C GLU B 207 29.32 3.20 12.53
N GLY B 208 30.36 2.48 12.91
CA GLY B 208 30.24 1.44 13.91
C GLY B 208 30.12 0.05 13.31
N SER B 209 29.87 -0.90 14.21
CA SER B 209 29.78 -2.32 13.90
C SER B 209 28.46 -2.90 14.39
N VAL B 210 27.94 -3.87 13.65
CA VAL B 210 26.74 -4.59 14.06
C VAL B 210 27.01 -6.08 13.93
N ASP B 211 26.22 -6.86 14.66
CA ASP B 211 26.28 -8.31 14.58
C ASP B 211 24.96 -8.82 14.03
N VAL B 212 25.07 -9.83 13.17
CA VAL B 212 23.93 -10.51 12.60
C VAL B 212 23.76 -11.79 13.40
N VAL B 213 22.66 -11.90 14.13
CA VAL B 213 22.40 -13.02 15.03
C VAL B 213 21.15 -13.72 14.52
N GLY B 214 21.34 -14.91 13.96
CA GLY B 214 20.25 -15.76 13.56
C GLY B 214 19.91 -16.77 14.62
N ARG B 215 19.25 -17.83 14.21
CA ARG B 215 18.92 -18.95 15.08
C ARG B 215 19.38 -20.24 14.43
N ASP B 216 19.94 -21.14 15.24
CA ASP B 216 20.35 -22.46 14.74
C ASP B 216 19.12 -23.34 14.56
N ASP B 217 19.37 -24.61 14.18
CA ASP B 217 18.26 -25.54 13.92
C ASP B 217 17.40 -25.81 15.14
N ASP B 218 17.83 -25.40 16.34
CA ASP B 218 17.11 -25.66 17.57
C ASP B 218 16.48 -24.42 18.19
N GLY B 219 16.59 -23.26 17.54
CA GLY B 219 15.97 -22.05 18.05
C GLY B 219 16.85 -21.18 18.90
N ASN B 220 18.14 -21.48 19.02
CA ASN B 220 19.05 -20.68 19.83
C ASN B 220 19.72 -19.59 19.00
N GLU B 221 19.91 -18.43 19.62
CA GLU B 221 20.74 -17.39 19.07
C GLU B 221 22.11 -17.94 18.65
N LYS B 222 22.54 -17.57 17.44
CA LYS B 222 23.86 -17.94 16.95
C LYS B 222 24.42 -16.82 16.07
N HIS B 223 25.72 -16.57 16.21
CA HIS B 223 26.36 -15.48 15.47
C HIS B 223 26.54 -15.87 14.00
N VAL B 224 26.13 -14.96 13.10
CA VAL B 224 26.13 -15.20 11.66
C VAL B 224 27.18 -14.37 10.94
N TRP B 225 27.16 -13.06 11.11
CA TRP B 225 28.15 -12.22 10.46
C TRP B 225 28.27 -10.90 11.21
N GLU B 226 29.41 -10.25 11.05
CA GLU B 226 29.64 -8.90 11.57
C GLU B 226 29.77 -7.96 10.37
N PHE B 227 28.94 -6.91 10.34
CA PHE B 227 29.02 -5.89 9.32
C PHE B 227 29.50 -4.58 9.93
N GLY B 228 30.01 -3.71 9.07
CA GLY B 228 30.55 -2.47 9.55
C GLY B 228 30.25 -1.37 8.57
N LYS B 229 30.99 -0.28 8.66
CA LYS B 229 30.75 0.91 7.86
C LYS B 229 30.72 0.57 6.37
N GLY B 230 29.72 1.12 5.68
CA GLY B 230 29.53 0.87 4.27
C GLY B 230 28.62 -0.29 3.94
N ASP B 231 28.31 -1.15 4.91
CA ASP B 231 27.48 -2.30 4.60
C ASP B 231 26.00 -1.97 4.81
N HIS B 232 25.15 -2.87 4.31
CA HIS B 232 23.71 -2.73 4.35
C HIS B 232 23.10 -3.96 5.01
N VAL B 233 21.97 -3.75 5.68
CA VAL B 233 21.19 -4.81 6.29
C VAL B 233 19.72 -4.46 6.10
N GLY B 234 18.88 -5.48 6.08
CA GLY B 234 17.44 -5.32 5.94
C GLY B 234 16.89 -5.69 4.58
N GLU B 235 17.75 -5.87 3.57
CA GLU B 235 17.34 -6.01 2.17
C GLU B 235 16.79 -7.39 1.84
N LEU B 236 17.20 -8.44 2.55
CA LEU B 236 16.82 -9.80 2.14
C LEU B 236 15.32 -9.99 2.19
N GLU B 237 14.68 -9.42 3.21
CA GLU B 237 13.26 -9.57 3.37
C GLU B 237 12.52 -8.79 2.28
N PHE B 238 13.15 -7.71 1.79
CA PHE B 238 12.59 -6.96 0.67
C PHE B 238 12.55 -7.80 -0.60
N LEU B 239 13.63 -8.58 -0.82
CA LEU B 239 13.82 -9.27 -2.09
C LEU B 239 12.90 -10.49 -2.19
N ASN B 240 12.80 -11.28 -1.13
CA ASN B 240 12.11 -12.55 -1.20
C ASN B 240 10.89 -12.64 -0.30
N ASN B 241 10.50 -11.54 0.35
CA ASN B 241 9.14 -11.37 0.89
C ASN B 241 8.85 -12.38 2.01
N HIS B 242 9.55 -12.17 3.13
CA HIS B 242 9.44 -13.02 4.31
C HIS B 242 9.85 -12.19 5.52
N ALA B 243 9.54 -12.70 6.70
CA ALA B 243 9.88 -12.00 7.93
C ALA B 243 11.37 -12.16 8.22
N ASN B 244 11.86 -11.39 9.20
CA ASN B 244 13.29 -11.30 9.42
C ASN B 244 13.87 -12.63 9.88
N VAL B 245 14.96 -13.04 9.26
CA VAL B 245 15.63 -14.31 9.57
C VAL B 245 16.73 -14.14 10.60
N ALA B 246 17.02 -12.92 11.01
CA ALA B 246 18.02 -12.64 12.03
C ALA B 246 17.66 -11.36 12.74
N ASP B 247 18.26 -11.17 13.90
CA ASP B 247 18.44 -9.85 14.49
C ASP B 247 19.64 -9.18 13.86
N VAL B 248 19.65 -7.85 13.89
CA VAL B 248 20.87 -7.09 13.75
C VAL B 248 21.01 -6.24 15.00
N VAL B 249 22.12 -6.44 15.71
CA VAL B 249 22.36 -5.83 17.02
C VAL B 249 23.61 -4.97 16.93
N ALA B 250 23.51 -3.75 17.45
CA ALA B 250 24.62 -2.82 17.39
C ALA B 250 25.77 -3.34 18.26
N LYS B 251 26.86 -3.75 17.63
CA LYS B 251 28.02 -4.22 18.39
C LYS B 251 28.67 -3.04 19.12
N THR B 252 29.05 -2.01 18.38
CA THR B 252 29.42 -0.73 18.95
C THR B 252 28.24 0.25 18.84
N HIS B 253 28.47 1.46 19.28
CA HIS B 253 27.58 2.57 18.93
C HIS B 253 27.55 2.70 17.41
N VAL B 254 26.36 2.73 16.83
CA VAL B 254 26.25 2.78 15.38
CA VAL B 254 26.18 2.71 15.38
C VAL B 254 25.37 3.93 14.96
N VAL B 255 25.68 4.44 13.76
CA VAL B 255 24.91 5.46 13.06
C VAL B 255 24.46 4.84 11.74
N THR B 256 23.16 4.87 11.50
CA THR B 256 22.60 4.31 10.27
C THR B 256 21.88 5.39 9.47
N ALA B 257 21.67 5.08 8.19
CA ALA B 257 20.77 5.79 7.31
C ALA B 257 19.84 4.76 6.72
N LYS B 258 18.54 5.02 6.78
CA LYS B 258 17.57 3.98 6.47
C LYS B 258 16.57 4.45 5.44
N LEU B 259 16.12 3.51 4.61
CA LEU B 259 15.20 3.75 3.52
C LEU B 259 13.97 2.88 3.73
N ASN B 260 12.79 3.47 3.57
CA ASN B 260 11.57 2.70 3.81
C ASN B 260 11.34 1.72 2.68
N ARG B 261 10.78 0.55 3.03
CA ARG B 261 10.43 -0.46 2.04
C ARG B 261 9.65 0.12 0.87
N ARG B 262 8.78 1.11 1.14
CA ARG B 262 8.07 1.91 0.16
C ARG B 262 8.87 2.18 -1.10
N HIS B 263 10.10 2.66 -0.92
CA HIS B 263 10.89 3.22 -2.00
C HIS B 263 11.97 2.29 -2.52
N PHE B 264 12.05 1.06 -2.00
CA PHE B 264 13.08 0.13 -2.43
C PHE B 264 13.17 0.04 -3.95
N GLU B 265 12.06 -0.29 -4.63
CA GLU B 265 12.08 -0.39 -6.08
C GLU B 265 12.34 0.97 -6.73
N MET B 266 11.68 2.02 -6.23
CA MET B 266 11.73 3.36 -6.81
C MET B 266 13.14 3.97 -6.76
N CYS B 267 13.94 3.60 -5.75
CA CYS B 267 15.26 4.14 -5.49
C CYS B 267 16.40 3.22 -5.88
N LEU B 268 16.29 1.95 -5.51
CA LEU B 268 17.41 1.02 -5.60
C LEU B 268 17.23 0.08 -6.78
N GLY B 269 16.28 0.36 -7.65
CA GLY B 269 16.04 -0.41 -8.84
C GLY B 269 17.29 -0.83 -9.59
N PRO B 270 18.18 0.13 -9.91
CA PRO B 270 19.40 -0.22 -10.65
C PRO B 270 20.39 -1.09 -9.87
N VAL B 271 20.22 -1.27 -8.55
CA VAL B 271 21.13 -2.10 -7.77
C VAL B 271 20.46 -3.32 -7.16
N ILE B 272 19.17 -3.56 -7.42
CA ILE B 272 18.54 -4.72 -6.80
C ILE B 272 19.24 -6.01 -7.21
N ASP B 273 19.72 -6.10 -8.45
CA ASP B 273 20.46 -7.31 -8.87
C ASP B 273 21.73 -7.50 -8.06
N VAL B 274 22.44 -6.41 -7.75
CA VAL B 274 23.62 -6.48 -6.89
C VAL B 274 23.23 -7.06 -5.53
N LEU B 275 22.10 -6.63 -4.99
CA LEU B 275 21.63 -7.12 -3.71
C LEU B 275 21.31 -8.62 -3.77
N LYS B 276 20.75 -9.07 -4.90
CA LYS B 276 20.50 -10.50 -5.08
C LYS B 276 21.79 -11.29 -5.20
N ARG B 277 22.76 -10.81 -5.98
CA ARG B 277 24.02 -11.52 -6.06
CA ARG B 277 24.05 -11.47 -6.08
C ARG B 277 24.72 -11.55 -4.70
N THR B 278 24.67 -10.44 -3.97
CA THR B 278 25.27 -10.41 -2.64
C THR B 278 24.69 -11.53 -1.77
N SER B 279 23.39 -11.76 -1.86
CA SER B 279 22.75 -12.78 -1.03
C SER B 279 23.17 -14.19 -1.36
N GLN B 280 24.10 -14.38 -2.28
CA GLN B 280 24.48 -15.73 -2.70
C GLN B 280 25.92 -16.06 -2.42
N GLN B 281 26.54 -15.22 -1.65
CA GLN B 281 27.90 -15.38 -1.25
C GLN B 281 28.01 -16.38 -0.11
N PRO B 282 29.19 -17.00 0.05
CA PRO B 282 29.50 -17.70 1.33
C PRO B 282 29.00 -17.01 2.59
N ASN B 283 29.22 -15.73 2.75
CA ASN B 283 28.79 -15.11 4.00
C ASN B 283 27.26 -14.97 4.11
N TYR B 284 26.49 -15.45 3.13
CA TYR B 284 25.04 -15.54 3.26
C TYR B 284 24.55 -16.99 3.23
N GLU B 285 25.42 -17.95 3.55
CA GLU B 285 24.99 -19.36 3.57
C GLU B 285 23.92 -19.59 4.63
N TYR B 286 24.10 -19.01 5.83
CA TYR B 286 23.05 -19.04 6.85
C TYR B 286 21.73 -18.61 6.25
N TYR B 287 21.73 -17.54 5.46
CA TYR B 287 20.51 -17.11 4.82
C TYR B 287 20.01 -18.15 3.83
N GLN B 288 20.89 -18.58 2.92
CA GLN B 288 20.47 -19.50 1.87
C GLN B 288 19.88 -20.78 2.46
N SER B 289 20.45 -21.26 3.56
CA SER B 289 19.94 -22.47 4.20
C SER B 289 18.57 -22.22 4.84
N LYS B 290 18.40 -21.06 5.48
CA LYS B 290 17.14 -20.76 6.17
C LYS B 290 16.02 -20.43 5.20
N LEU B 291 16.33 -20.10 3.95
CA LEU B 291 15.30 -19.74 2.97
C LEU B 291 14.56 -20.96 2.44
N LYS B 292 15.10 -22.17 2.63
CA LYS B 292 14.40 -23.40 2.21
C LYS B 292 13.27 -23.79 3.18
#